data_2QTT
#
_entry.id   2QTT
#
_cell.length_a   41.300
_cell.length_b   127.050
_cell.length_c   45.450
_cell.angle_alpha   90.00
_cell.angle_beta   109.63
_cell.angle_gamma   90.00
#
_symmetry.space_group_name_H-M   'P 1 21 1'
#
loop_
_entity.id
_entity.type
_entity.pdbx_description
1 polymer "5'-methylthioadenosine nucleosidase"
2 non-polymer ADENINE
3 non-polymer 1,2-ETHANEDIOL
4 non-polymer (1S)-1-(7-amino-1H-pyrazolo[4,3-d]pyrimidin-3-yl)-1,4-anhydro-D-ribitol
5 water water
#
_entity_poly.entity_id   1
_entity_poly.type   'polypeptide(L)'
_entity_poly.pdbx_seq_one_letter_code
;MAPHGDGLSDIEEPEVDAQSEILRPISSVVFVIAMQAEALPLVNKFGLSETTDSPLGKGLPWVLYHGVHKDLRINVVCPG
RDAALGIDSVGTVPASLITFASIQALKPDIIINAGTCGGFKVKGANIGDVFLVSDVVFHDRRIPIPMFDLYGVGLRQAFS
TPNLLKELNLKIGRLSTGDSLDMSTQDETLIIANDATLKDMEGAAVAYVADLLKIPVVFLKAVTDLVDGDKPTAEEFLQN
LTVVTAALEGTATKVINFINGRNLSDL
;
_entity_poly.pdbx_strand_id   A,B
#
loop_
_chem_comp.id
_chem_comp.type
_chem_comp.name
_chem_comp.formula
ADE non-polymer ADENINE 'C5 H5 N5'
EDO non-polymer 1,2-ETHANEDIOL 'C2 H6 O2'
FMC non-polymer (1S)-1-(7-amino-1H-pyrazolo[4,3-d]pyrimidin-3-yl)-1,4-anhydro-D-ribitol 'C10 H13 N5 O4'
#
# COMPACT_ATOMS: atom_id res chain seq x y z
N SER A 20 3.58 -24.10 27.28
CA SER A 20 3.11 -24.72 26.00
C SER A 20 4.01 -24.32 24.83
N GLU A 21 4.43 -23.04 24.79
CA GLU A 21 5.39 -22.59 23.77
C GLU A 21 6.77 -22.42 24.39
N ILE A 22 7.71 -23.21 23.87
CA ILE A 22 9.10 -23.06 24.25
C ILE A 22 9.79 -22.35 23.09
N LEU A 23 10.56 -21.32 23.44
CA LEU A 23 11.28 -20.51 22.44
C LEU A 23 12.57 -21.19 22.01
N ARG A 24 12.92 -21.06 20.72
CA ARG A 24 14.07 -21.77 20.17
C ARG A 24 14.64 -20.98 18.98
N PRO A 25 15.75 -21.44 18.38
CA PRO A 25 16.31 -20.62 17.29
C PRO A 25 15.31 -20.32 16.17
N ILE A 26 15.51 -19.16 15.54
CA ILE A 26 14.83 -18.76 14.30
C ILE A 26 15.04 -19.85 13.25
N SER A 27 13.99 -20.19 12.51
CA SER A 27 14.14 -21.17 11.43
C SER A 27 14.13 -20.57 10.03
N SER A 28 13.39 -19.47 9.83
CA SER A 28 13.40 -18.82 8.51
C SER A 28 13.34 -17.29 8.55
N VAL A 29 13.84 -16.71 7.47
CA VAL A 29 13.76 -15.26 7.26
C VAL A 29 13.22 -14.96 5.86
N VAL A 30 12.38 -13.92 5.73
CA VAL A 30 12.10 -13.43 4.38
C VAL A 30 12.67 -12.03 4.20
N PHE A 31 13.38 -11.85 3.09
CA PHE A 31 13.83 -10.52 2.67
C PHE A 31 12.81 -9.94 1.72
N VAL A 32 12.39 -8.70 1.97
CA VAL A 32 11.53 -7.98 1.01
C VAL A 32 12.44 -6.96 0.34
N ILE A 33 12.68 -7.14 -0.95
CA ILE A 33 13.57 -6.25 -1.72
C ILE A 33 12.78 -5.72 -2.91
N ALA A 34 12.60 -4.39 -2.93
CA ALA A 34 11.78 -3.72 -3.96
C ALA A 34 12.33 -3.87 -5.37
N MET A 35 13.64 -3.75 -5.55
CA MET A 35 14.20 -3.83 -6.90
C MET A 35 15.07 -5.06 -7.17
N GLN A 36 14.76 -5.76 -8.26
CA GLN A 36 15.31 -7.09 -8.49
C GLN A 36 16.84 -7.07 -8.56
N ALA A 37 17.39 -5.96 -9.06
CA ALA A 37 18.85 -5.77 -9.16
C ALA A 37 19.54 -5.74 -7.80
N GLU A 38 18.82 -5.21 -6.79
N GLU A 38 18.85 -5.26 -6.76
CA GLU A 38 19.25 -5.20 -5.38
CA GLU A 38 19.45 -5.28 -5.43
C GLU A 38 19.31 -6.63 -4.80
C GLU A 38 19.28 -6.63 -4.74
N ALA A 39 18.42 -7.49 -5.27
CA ALA A 39 18.27 -8.85 -4.74
C ALA A 39 19.29 -9.84 -5.32
N LEU A 40 19.60 -9.69 -6.61
CA LEU A 40 20.43 -10.68 -7.33
C LEU A 40 21.77 -11.02 -6.67
N PRO A 41 22.53 -10.01 -6.21
CA PRO A 41 23.81 -10.32 -5.53
C PRO A 41 23.66 -11.18 -4.26
N LEU A 42 22.60 -10.94 -3.50
CA LEU A 42 22.31 -11.80 -2.35
C LEU A 42 21.90 -13.20 -2.79
N VAL A 43 21.06 -13.28 -3.83
CA VAL A 43 20.67 -14.55 -4.43
C VAL A 43 21.88 -15.33 -4.93
N ASN A 44 22.80 -14.65 -5.61
CA ASN A 44 24.02 -15.25 -6.16
C ASN A 44 24.96 -15.70 -5.03
N LYS A 45 25.13 -14.83 -4.03
CA LYS A 45 25.96 -15.13 -2.86
C LYS A 45 25.52 -16.39 -2.12
N PHE A 46 24.20 -16.61 -2.00
CA PHE A 46 23.72 -17.80 -1.31
C PHE A 46 23.20 -18.90 -2.24
N GLY A 47 23.39 -18.71 -3.55
CA GLY A 47 22.95 -19.72 -4.54
C GLY A 47 21.48 -20.07 -4.36
N LEU A 48 20.66 -19.05 -4.16
CA LEU A 48 19.24 -19.25 -3.96
C LEU A 48 18.57 -19.58 -5.31
N SER A 49 17.57 -20.43 -5.28
CA SER A 49 16.85 -20.80 -6.50
C SER A 49 15.56 -20.00 -6.66
N GLU A 50 15.32 -19.51 -7.88
CA GLU A 50 14.09 -18.81 -8.24
C GLU A 50 12.96 -19.82 -8.33
N THR A 51 11.95 -19.67 -7.48
CA THR A 51 10.88 -20.65 -7.40
C THR A 51 9.98 -20.64 -8.63
N THR A 52 9.45 -21.82 -8.93
CA THR A 52 8.61 -22.01 -10.12
C THR A 52 7.19 -22.56 -9.85
N ASP A 53 6.87 -22.94 -8.61
CA ASP A 53 5.53 -23.48 -8.31
C ASP A 53 4.52 -22.48 -7.70
N SER A 54 4.63 -21.21 -8.13
CA SER A 54 3.72 -20.11 -7.75
C SER A 54 3.36 -20.04 -6.26
N PRO A 55 4.39 -20.01 -5.37
CA PRO A 55 4.16 -20.11 -3.93
C PRO A 55 3.33 -18.99 -3.30
N LEU A 56 3.29 -17.81 -3.93
CA LEU A 56 2.54 -16.66 -3.43
C LEU A 56 1.22 -16.42 -4.16
N GLY A 57 0.92 -17.28 -5.12
CA GLY A 57 -0.29 -17.17 -5.92
C GLY A 57 -0.01 -17.26 -7.39
N LYS A 58 -0.90 -17.95 -8.10
CA LYS A 58 -0.77 -18.09 -9.55
C LYS A 58 -1.08 -16.78 -10.30
N GLY A 59 -0.32 -16.58 -11.39
CA GLY A 59 -0.55 -15.47 -12.32
C GLY A 59 -0.08 -14.11 -11.88
N LEU A 60 0.95 -14.08 -11.04
CA LEU A 60 1.47 -12.83 -10.53
C LEU A 60 2.93 -12.61 -10.97
N PRO A 61 3.34 -11.33 -11.09
CA PRO A 61 4.71 -11.05 -11.52
C PRO A 61 5.76 -11.13 -10.37
N TRP A 62 5.28 -11.34 -9.15
CA TRP A 62 6.15 -11.43 -7.99
C TRP A 62 7.19 -12.55 -8.09
N VAL A 63 8.38 -12.30 -7.58
CA VAL A 63 9.48 -13.26 -7.66
C VAL A 63 9.88 -13.72 -6.27
N LEU A 64 9.99 -15.04 -6.10
CA LEU A 64 10.48 -15.61 -4.84
C LEU A 64 11.72 -16.46 -5.09
N TYR A 65 12.79 -16.16 -4.36
CA TYR A 65 13.99 -16.99 -4.36
C TYR A 65 14.07 -17.73 -3.04
N HIS A 66 14.47 -19.00 -3.10
CA HIS A 66 14.56 -19.83 -1.93
C HIS A 66 15.89 -20.60 -1.83
N GLY A 67 16.42 -20.68 -0.62
CA GLY A 67 17.60 -21.51 -0.37
C GLY A 67 17.76 -21.76 1.11
N VAL A 68 18.89 -22.37 1.46
CA VAL A 68 19.21 -22.61 2.86
C VAL A 68 20.67 -22.30 3.15
N HIS A 69 20.90 -21.59 4.26
CA HIS A 69 22.24 -21.31 4.77
C HIS A 69 22.40 -21.87 6.17
N LYS A 70 23.13 -22.98 6.28
CA LYS A 70 23.37 -23.63 7.56
C LYS A 70 21.97 -23.95 8.08
N ASP A 71 21.66 -23.55 9.31
CA ASP A 71 20.35 -23.82 9.90
C ASP A 71 19.22 -22.86 9.60
N LEU A 72 19.40 -22.06 8.54
CA LEU A 72 18.42 -21.05 8.24
C LEU A 72 17.83 -21.15 6.83
N ARG A 73 16.50 -21.17 6.75
CA ARG A 73 15.80 -21.11 5.47
C ARG A 73 15.72 -19.64 5.02
N ILE A 74 16.05 -19.38 3.75
CA ILE A 74 16.10 -17.99 3.22
C ILE A 74 15.16 -17.80 2.04
N ASN A 75 14.20 -16.91 2.22
CA ASN A 75 13.30 -16.53 1.15
C ASN A 75 13.53 -15.07 0.77
N VAL A 76 13.71 -14.79 -0.51
CA VAL A 76 13.86 -13.41 -0.98
C VAL A 76 12.70 -13.11 -1.94
N VAL A 77 11.89 -12.11 -1.61
CA VAL A 77 10.69 -11.77 -2.38
C VAL A 77 10.84 -10.36 -3.00
N CYS A 78 10.51 -10.24 -4.30
CA CYS A 78 10.55 -8.99 -5.04
C CYS A 78 9.21 -8.82 -5.75
N PRO A 79 8.71 -7.56 -5.85
CA PRO A 79 7.45 -7.36 -6.53
C PRO A 79 7.57 -7.62 -8.01
N GLY A 80 8.79 -7.60 -8.54
CA GLY A 80 9.04 -7.95 -9.94
C GLY A 80 8.54 -6.91 -10.94
N ARG A 81 8.45 -7.32 -12.20
CA ARG A 81 8.22 -6.37 -13.28
C ARG A 81 6.74 -6.01 -13.44
N ASP A 82 6.48 -4.73 -13.68
CA ASP A 82 5.15 -4.21 -13.95
C ASP A 82 4.67 -4.72 -15.32
N ALA A 83 3.45 -5.24 -15.39
CA ALA A 83 2.95 -5.82 -16.66
C ALA A 83 2.91 -4.79 -17.79
N ALA A 84 2.33 -3.63 -17.50
CA ALA A 84 2.21 -2.53 -18.47
C ALA A 84 3.54 -2.02 -18.97
N LEU A 85 4.44 -1.68 -18.05
CA LEU A 85 5.69 -0.99 -18.42
C LEU A 85 6.98 -1.81 -18.32
N GLY A 86 6.99 -2.86 -17.50
CA GLY A 86 8.17 -3.72 -17.40
C GLY A 86 9.23 -3.31 -16.38
N ILE A 87 9.04 -2.20 -15.68
CA ILE A 87 9.96 -1.73 -14.62
C ILE A 87 9.69 -2.48 -13.33
N ASP A 88 10.62 -2.44 -12.36
CA ASP A 88 10.31 -2.93 -11.02
C ASP A 88 9.06 -2.20 -10.50
N SER A 89 8.17 -2.97 -9.87
CA SER A 89 6.97 -2.43 -9.26
C SER A 89 7.27 -1.76 -7.90
N VAL A 90 7.84 -0.56 -7.95
CA VAL A 90 8.29 0.15 -6.75
C VAL A 90 7.11 0.76 -5.94
N GLY A 91 7.41 1.24 -4.74
CA GLY A 91 6.40 1.96 -3.95
C GLY A 91 5.73 1.12 -2.87
N THR A 92 4.90 1.79 -2.07
CA THR A 92 4.31 1.17 -0.90
C THR A 92 3.26 0.08 -1.17
N VAL A 93 2.43 0.26 -2.19
CA VAL A 93 1.35 -0.70 -2.45
C VAL A 93 1.86 -2.12 -2.80
N PRO A 94 2.72 -2.27 -3.84
CA PRO A 94 3.31 -3.60 -4.11
C PRO A 94 4.14 -4.22 -2.97
N ALA A 95 4.92 -3.39 -2.26
CA ALA A 95 5.71 -3.85 -1.11
C ALA A 95 4.80 -4.40 -0.03
N SER A 96 3.72 -3.69 0.24
CA SER A 96 2.79 -4.16 1.25
C SER A 96 2.12 -5.51 0.84
N LEU A 97 1.79 -5.64 -0.45
CA LEU A 97 1.15 -6.85 -0.94
C LEU A 97 2.06 -8.07 -0.84
N ILE A 98 3.32 -7.95 -1.27
CA ILE A 98 4.25 -9.10 -1.24
C ILE A 98 4.63 -9.46 0.20
N THR A 99 4.66 -8.46 1.07
CA THR A 99 4.97 -8.69 2.48
C THR A 99 3.84 -9.50 3.05
N PHE A 100 2.60 -9.08 2.78
CA PHE A 100 1.42 -9.76 3.33
C PHE A 100 1.33 -11.20 2.86
N ALA A 101 1.45 -11.37 1.55
CA ALA A 101 1.34 -12.70 0.93
C ALA A 101 2.47 -13.62 1.38
N SER A 102 3.69 -13.11 1.45
CA SER A 102 4.81 -13.96 1.88
C SER A 102 4.77 -14.37 3.37
N ILE A 103 4.31 -13.48 4.25
CA ILE A 103 4.03 -13.89 5.64
C ILE A 103 3.00 -15.03 5.74
N GLN A 104 1.89 -14.89 5.02
CA GLN A 104 0.83 -15.92 5.09
C GLN A 104 1.23 -17.27 4.50
N ALA A 105 1.99 -17.23 3.40
CA ALA A 105 2.43 -18.45 2.73
C ALA A 105 3.66 -19.08 3.37
N LEU A 106 4.64 -18.24 3.70
CA LEU A 106 5.98 -18.71 4.07
C LEU A 106 6.31 -18.70 5.55
N LYS A 107 5.46 -18.08 6.36
CA LYS A 107 5.57 -18.16 7.83
C LYS A 107 6.96 -17.78 8.38
N PRO A 108 7.52 -16.62 7.95
CA PRO A 108 8.88 -16.27 8.38
C PRO A 108 8.92 -15.99 9.88
N ASP A 109 10.06 -16.27 10.52
CA ASP A 109 10.27 -15.83 11.91
C ASP A 109 10.57 -14.35 11.95
N ILE A 110 11.08 -13.83 10.86
CA ILE A 110 11.52 -12.44 10.80
C ILE A 110 11.57 -11.98 9.36
N ILE A 111 11.34 -10.70 9.16
CA ILE A 111 11.32 -10.10 7.84
C ILE A 111 12.39 -9.06 7.85
N ILE A 112 13.13 -9.00 6.76
CA ILE A 112 14.14 -7.97 6.56
C ILE A 112 13.85 -7.21 5.28
N ASN A 113 13.47 -5.94 5.43
CA ASN A 113 13.38 -5.02 4.30
C ASN A 113 14.78 -4.45 4.00
N ALA A 114 15.36 -4.86 2.88
CA ALA A 114 16.70 -4.43 2.48
C ALA A 114 16.60 -3.67 1.18
N GLY A 115 17.30 -2.55 1.08
CA GLY A 115 17.35 -1.83 -0.19
C GLY A 115 18.18 -0.58 -0.09
N THR A 116 18.37 0.09 -1.24
CA THR A 116 19.07 1.36 -1.30
C THR A 116 18.05 2.48 -1.07
N CYS A 117 18.53 3.64 -0.60
CA CYS A 117 17.63 4.75 -0.22
C CYS A 117 18.39 6.07 -0.25
N GLY A 118 17.69 7.17 -0.01
CA GLY A 118 18.34 8.46 0.09
C GLY A 118 18.72 8.71 1.53
N GLY A 119 19.66 9.63 1.76
CA GLY A 119 20.08 9.96 3.13
C GLY A 119 20.31 11.45 3.29
N PHE A 120 20.33 11.90 4.55
CA PHE A 120 20.65 13.30 4.84
C PHE A 120 22.03 13.43 5.46
N LYS A 121 22.93 14.10 4.72
CA LYS A 121 24.26 14.37 5.27
C LYS A 121 24.17 15.17 6.58
N VAL A 122 23.16 16.04 6.71
CA VAL A 122 23.02 16.84 7.95
CA VAL A 122 23.03 16.85 7.93
C VAL A 122 22.70 15.96 9.14
N LYS A 123 22.21 14.75 8.86
CA LYS A 123 21.86 13.79 9.91
C LYS A 123 22.98 12.77 10.11
N GLY A 124 24.07 12.93 9.39
CA GLY A 124 25.24 12.06 9.54
C GLY A 124 25.38 10.94 8.53
N ALA A 125 24.50 10.91 7.52
CA ALA A 125 24.58 9.88 6.50
C ALA A 125 25.66 10.20 5.46
N ASN A 126 26.29 9.15 4.93
CA ASN A 126 27.24 9.25 3.81
C ASN A 126 26.91 8.21 2.74
N ILE A 127 27.35 8.46 1.51
CA ILE A 127 27.13 7.51 0.43
C ILE A 127 27.83 6.20 0.83
N GLY A 128 27.15 5.08 0.67
CA GLY A 128 27.75 3.78 0.95
C GLY A 128 27.43 3.20 2.31
N ASP A 129 27.02 4.07 3.25
CA ASP A 129 26.59 3.65 4.58
C ASP A 129 25.39 2.71 4.51
N VAL A 130 25.46 1.59 5.21
CA VAL A 130 24.30 0.72 5.40
C VAL A 130 23.82 0.89 6.84
N PHE A 131 22.62 1.45 6.98
CA PHE A 131 21.99 1.73 8.28
C PHE A 131 21.12 0.59 8.78
N LEU A 132 21.12 0.39 10.09
CA LEU A 132 20.11 -0.41 10.75
C LEU A 132 19.05 0.56 11.25
N VAL A 133 17.86 0.52 10.66
CA VAL A 133 16.81 1.47 10.99
C VAL A 133 16.27 1.25 12.41
N SER A 134 16.18 2.32 13.17
CA SER A 134 15.62 2.26 14.53
C SER A 134 14.10 2.21 14.45
N ASP A 135 13.55 3.16 13.72
CA ASP A 135 12.10 3.21 13.51
C ASP A 135 11.73 3.86 12.18
N VAL A 136 10.44 3.82 11.84
CA VAL A 136 9.96 4.26 10.54
CA VAL A 136 9.96 4.27 10.53
C VAL A 136 8.67 5.09 10.62
N VAL A 137 8.52 6.02 9.67
CA VAL A 137 7.34 6.86 9.52
C VAL A 137 7.05 7.05 8.03
N PHE A 138 5.85 7.52 7.71
CA PHE A 138 5.51 8.07 6.38
C PHE A 138 5.63 9.59 6.37
N HIS A 139 6.08 10.14 5.25
CA HIS A 139 6.07 11.60 5.07
C HIS A 139 4.94 12.08 4.14
N ASP A 140 4.19 11.14 3.55
CA ASP A 140 3.19 11.53 2.54
C ASP A 140 1.76 11.07 2.84
N ARG A 141 1.47 10.82 4.11
CA ARG A 141 0.10 10.51 4.49
C ARG A 141 -0.39 11.57 5.47
N ARG A 142 -0.80 12.73 4.92
CA ARG A 142 -1.14 13.90 5.71
C ARG A 142 -2.64 13.95 5.92
N ILE A 143 -3.07 13.72 7.17
CA ILE A 143 -4.50 13.70 7.50
C ILE A 143 -4.74 14.64 8.69
N PRO A 144 -5.02 15.93 8.42
CA PRO A 144 -5.10 16.94 9.48
C PRO A 144 -6.38 16.85 10.32
N ILE A 145 -6.58 15.71 10.96
CA ILE A 145 -7.70 15.47 11.90
C ILE A 145 -7.10 14.75 13.11
N PRO A 146 -7.59 15.04 14.35
CA PRO A 146 -7.02 14.32 15.51
C PRO A 146 -7.09 12.81 15.36
N MET A 147 -6.04 12.15 15.82
CA MET A 147 -5.86 10.71 15.74
C MET A 147 -5.73 10.03 14.37
N PHE A 148 -6.06 10.78 13.31
CA PHE A 148 -5.86 10.31 11.95
C PHE A 148 -4.47 10.82 11.57
N ASP A 149 -4.15 12.04 12.00
CA ASP A 149 -2.81 12.58 11.83
C ASP A 149 -1.69 11.65 12.27
N LEU A 150 -1.80 11.15 13.49
CA LEU A 150 -0.86 10.20 14.03
C LEU A 150 -0.85 8.88 13.24
N TYR A 151 -2.04 8.40 12.90
CA TYR A 151 -2.23 7.20 12.08
C TYR A 151 -1.48 7.32 10.72
N GLY A 152 -1.66 8.46 10.03
CA GLY A 152 -1.00 8.75 8.74
C GLY A 152 0.52 8.75 8.85
N VAL A 153 1.04 9.35 9.92
CA VAL A 153 2.50 9.30 10.16
C VAL A 153 3.01 7.85 10.35
N GLY A 154 2.25 7.04 11.07
CA GLY A 154 2.49 5.60 11.10
C GLY A 154 3.78 5.19 11.76
N LEU A 155 4.14 5.88 12.86
CA LEU A 155 5.37 5.55 13.56
C LEU A 155 5.36 4.13 14.14
N ARG A 156 6.37 3.40 13.68
CA ARG A 156 6.61 2.01 14.09
C ARG A 156 8.09 1.74 14.32
N GLN A 157 8.37 1.00 15.40
CA GLN A 157 9.73 0.64 15.78
C GLN A 157 10.14 -0.64 15.09
N ALA A 158 11.37 -0.68 14.60
CA ALA A 158 11.93 -1.93 14.12
C ALA A 158 12.16 -2.88 15.30
N PHE A 159 12.18 -4.18 15.03
CA PHE A 159 12.54 -5.16 16.05
C PHE A 159 13.93 -4.89 16.64
N SER A 160 13.98 -4.94 17.96
CA SER A 160 15.21 -4.66 18.71
C SER A 160 16.25 -5.77 18.47
N THR A 161 17.42 -5.36 17.98
CA THR A 161 18.53 -6.25 17.65
C THR A 161 19.88 -5.75 18.21
N PRO A 162 20.01 -5.65 19.55
CA PRO A 162 21.21 -5.05 20.14
C PRO A 162 22.53 -5.79 19.87
N ASN A 163 22.52 -7.12 19.87
CA ASN A 163 23.74 -7.90 19.65
C ASN A 163 24.23 -7.77 18.19
N LEU A 164 23.29 -7.81 17.24
CA LEU A 164 23.59 -7.52 15.84
C LEU A 164 24.28 -6.18 15.70
N LEU A 165 23.75 -5.16 16.38
CA LEU A 165 24.32 -3.80 16.32
C LEU A 165 25.72 -3.73 16.95
N LYS A 166 25.92 -4.43 18.07
CA LYS A 166 27.26 -4.56 18.71
C LYS A 166 28.31 -5.22 17.80
N GLU A 167 27.85 -6.20 17.02
CA GLU A 167 28.70 -6.94 16.10
C GLU A 167 29.01 -6.18 14.81
N LEU A 168 27.98 -5.63 14.18
CA LEU A 168 28.15 -5.02 12.84
C LEU A 168 28.44 -3.52 12.84
N ASN A 169 28.01 -2.83 13.89
CA ASN A 169 28.27 -1.38 14.07
C ASN A 169 27.79 -0.55 12.88
N LEU A 170 26.56 -0.84 12.48
CA LEU A 170 25.93 -0.06 11.43
C LEU A 170 25.43 1.21 12.07
N LYS A 171 25.45 2.31 11.30
CA LYS A 171 24.78 3.53 11.73
C LYS A 171 23.29 3.28 11.93
N ILE A 172 22.67 4.09 12.79
CA ILE A 172 21.27 3.96 13.13
CA ILE A 172 21.26 3.96 13.08
C ILE A 172 20.56 5.29 12.81
N GLY A 173 19.27 5.23 12.52
CA GLY A 173 18.53 6.43 12.15
C GLY A 173 17.11 6.06 11.82
N ARG A 174 16.24 7.07 11.86
CA ARG A 174 14.85 6.92 11.53
C ARG A 174 14.71 6.96 10.02
N LEU A 175 13.79 6.13 9.50
CA LEU A 175 13.49 6.06 8.08
C LEU A 175 12.14 6.74 7.80
N SER A 176 12.08 7.53 6.73
CA SER A 176 10.82 8.12 6.34
C SER A 176 10.47 7.71 4.92
N THR A 177 9.24 7.21 4.79
CA THR A 177 8.70 6.61 3.55
C THR A 177 7.64 7.46 2.84
N GLY A 178 7.70 7.46 1.52
CA GLY A 178 6.62 8.04 0.70
C GLY A 178 6.73 7.50 -0.70
N ASP A 179 5.68 7.65 -1.49
CA ASP A 179 5.65 7.09 -2.86
C ASP A 179 6.28 7.95 -3.94
N SER A 180 6.90 9.07 -3.56
CA SER A 180 7.63 9.90 -4.54
C SER A 180 9.15 9.77 -4.38
N LEU A 181 9.82 9.69 -5.52
CA LEU A 181 11.28 9.59 -5.60
C LEU A 181 11.94 10.93 -5.41
N ASP A 182 11.25 12.00 -5.81
CA ASP A 182 11.76 13.34 -5.58
C ASP A 182 11.35 13.78 -4.17
N MET A 183 11.60 15.04 -3.84
CA MET A 183 11.17 15.57 -2.56
C MET A 183 10.59 16.97 -2.69
N SER A 184 9.29 17.11 -2.44
CA SER A 184 8.64 18.42 -2.38
C SER A 184 8.96 19.10 -1.06
N THR A 185 8.65 20.40 -0.97
CA THR A 185 8.85 21.10 0.30
C THR A 185 7.93 20.52 1.38
N GLN A 186 6.71 20.16 1.00
CA GLN A 186 5.77 19.53 1.93
C GLN A 186 6.35 18.23 2.49
N ASP A 187 6.93 17.41 1.60
CA ASP A 187 7.62 16.18 2.01
C ASP A 187 8.75 16.51 3.01
N GLU A 188 9.58 17.47 2.65
CA GLU A 188 10.75 17.86 3.45
C GLU A 188 10.32 18.33 4.82
N THR A 189 9.25 19.09 4.87
CA THR A 189 8.68 19.58 6.13
C THR A 189 8.36 18.46 7.10
N LEU A 190 7.68 17.40 6.65
CA LEU A 190 7.42 16.25 7.51
C LEU A 190 8.70 15.50 7.88
N ILE A 191 9.56 15.27 6.90
CA ILE A 191 10.82 14.60 7.14
C ILE A 191 11.67 15.33 8.18
N ILE A 192 11.78 16.66 8.07
CA ILE A 192 12.50 17.46 9.11
C ILE A 192 11.80 17.39 10.47
N ALA A 193 10.47 17.55 10.46
CA ALA A 193 9.67 17.48 11.68
C ALA A 193 9.85 16.14 12.40
N ASN A 194 9.92 15.06 11.62
CA ASN A 194 10.07 13.72 12.17
C ASN A 194 11.51 13.28 12.40
N ASP A 195 12.45 14.16 12.08
CA ASP A 195 13.88 13.97 12.30
C ASP A 195 14.43 12.68 11.69
N ALA A 196 14.07 12.42 10.43
CA ALA A 196 14.53 11.22 9.73
C ALA A 196 15.94 11.44 9.19
N THR A 197 16.71 10.36 9.17
CA THR A 197 18.04 10.31 8.53
C THR A 197 17.96 9.74 7.11
N LEU A 198 16.95 8.91 6.86
CA LEU A 198 16.85 8.13 5.62
C LEU A 198 15.50 8.36 4.94
N LYS A 199 15.49 8.29 3.61
CA LYS A 199 14.27 8.46 2.81
C LYS A 199 14.12 7.30 1.80
N ASP A 200 12.96 6.64 1.80
CA ASP A 200 12.74 5.57 0.81
C ASP A 200 11.31 5.53 0.28
N MET A 201 10.97 4.43 -0.41
CA MET A 201 9.63 4.30 -0.98
C MET A 201 8.81 3.10 -0.51
N GLU A 202 9.33 2.30 0.44
CA GLU A 202 8.59 1.11 0.86
C GLU A 202 8.55 0.81 2.36
N GLY A 203 9.59 1.19 3.10
CA GLY A 203 9.83 0.70 4.48
C GLY A 203 8.67 0.75 5.46
N ALA A 204 8.02 1.92 5.55
CA ALA A 204 6.91 2.10 6.52
C ALA A 204 5.70 1.19 6.22
N ALA A 205 5.50 0.90 4.92
CA ALA A 205 4.42 0.04 4.51
C ALA A 205 4.76 -1.40 4.84
N VAL A 206 6.02 -1.77 4.65
CA VAL A 206 6.48 -3.12 5.09
C VAL A 206 6.26 -3.27 6.60
N ALA A 207 6.65 -2.24 7.37
CA ALA A 207 6.47 -2.24 8.84
C ALA A 207 5.00 -2.35 9.22
N TYR A 208 4.13 -1.65 8.48
CA TYR A 208 2.69 -1.71 8.77
C TYR A 208 2.17 -3.16 8.69
N VAL A 209 2.48 -3.83 7.58
CA VAL A 209 2.06 -5.24 7.40
C VAL A 209 2.70 -6.17 8.43
N ALA A 210 3.98 -5.99 8.69
CA ALA A 210 4.69 -6.76 9.69
C ALA A 210 3.99 -6.64 11.05
N ASP A 211 3.56 -5.42 11.35
CA ASP A 211 2.85 -5.12 12.61
C ASP A 211 1.49 -5.83 12.69
N LEU A 212 0.71 -5.76 11.60
CA LEU A 212 -0.60 -6.39 11.57
C LEU A 212 -0.54 -7.89 11.84
N LEU A 213 0.48 -8.54 11.27
CA LEU A 213 0.60 -9.99 11.36
C LEU A 213 1.56 -10.45 12.47
N LYS A 214 2.02 -9.48 13.26
CA LYS A 214 2.89 -9.65 14.44
C LYS A 214 4.18 -10.40 14.11
N ILE A 215 4.83 -9.99 13.02
CA ILE A 215 6.12 -10.54 12.64
C ILE A 215 7.20 -9.51 12.92
N PRO A 216 8.29 -9.89 13.60
CA PRO A 216 9.47 -9.04 13.79
C PRO A 216 10.01 -8.52 12.46
N VAL A 217 10.33 -7.23 12.41
CA VAL A 217 10.82 -6.63 11.18
C VAL A 217 12.10 -5.83 11.45
N VAL A 218 13.04 -5.95 10.52
CA VAL A 218 14.33 -5.27 10.53
CA VAL A 218 14.26 -5.15 10.57
C VAL A 218 14.50 -4.59 9.17
N PHE A 219 15.26 -3.49 9.13
CA PHE A 219 15.55 -2.78 7.88
C PHE A 219 17.05 -2.50 7.71
N LEU A 220 17.58 -2.87 6.54
CA LEU A 220 18.96 -2.56 6.14
C LEU A 220 18.86 -1.59 4.97
N LYS A 221 19.29 -0.35 5.18
CA LYS A 221 19.04 0.72 4.19
C LYS A 221 20.36 1.39 3.80
N ALA A 222 20.70 1.23 2.52
CA ALA A 222 22.01 1.61 2.04
C ALA A 222 21.95 2.93 1.26
N VAL A 223 22.66 3.93 1.74
CA VAL A 223 22.52 5.29 1.21
C VAL A 223 23.21 5.42 -0.17
N THR A 224 22.41 5.53 -1.24
CA THR A 224 22.98 5.72 -2.59
C THR A 224 23.01 7.17 -3.03
N ASP A 225 22.27 8.02 -2.32
CA ASP A 225 22.18 9.44 -2.69
C ASP A 225 21.95 10.34 -1.49
N LEU A 226 22.54 11.53 -1.54
CA LEU A 226 22.40 12.50 -0.48
C LEU A 226 21.34 13.52 -0.90
N VAL A 227 20.21 13.45 -0.22
CA VAL A 227 19.05 14.25 -0.58
C VAL A 227 19.38 15.74 -0.44
N ASP A 228 20.24 16.06 0.53
CA ASP A 228 20.65 17.44 0.80
C ASP A 228 22.08 17.73 0.37
N GLY A 229 22.61 16.97 -0.58
CA GLY A 229 23.99 17.14 -1.05
C GLY A 229 24.10 17.51 -2.53
N ASP A 230 25.32 17.77 -3.01
CA ASP A 230 25.56 18.14 -4.42
C ASP A 230 25.11 17.02 -5.37
N LYS A 231 24.57 17.38 -6.53
CA LYS A 231 24.21 16.38 -7.56
C LYS A 231 25.44 15.54 -7.97
N PRO A 232 25.24 14.21 -8.13
CA PRO A 232 26.35 13.39 -8.62
C PRO A 232 26.61 13.59 -10.12
N THR A 233 27.83 13.33 -10.55
CA THR A 233 28.15 13.22 -11.99
C THR A 233 27.64 11.87 -12.50
N ALA A 234 27.80 11.64 -13.80
CA ALA A 234 27.41 10.40 -14.45
C ALA A 234 28.23 9.21 -13.97
N GLU A 235 29.55 9.36 -13.96
CA GLU A 235 30.39 8.27 -13.50
C GLU A 235 30.19 8.00 -12.01
N GLU A 236 29.88 9.07 -11.26
CA GLU A 236 29.54 8.99 -9.85
C GLU A 236 28.22 8.25 -9.63
N PHE A 237 27.18 8.61 -10.38
CA PHE A 237 25.86 7.99 -10.26
C PHE A 237 25.93 6.47 -10.43
N LEU A 238 26.68 6.04 -11.43
CA LEU A 238 26.74 4.64 -11.80
C LEU A 238 27.60 3.86 -10.82
N GLN A 239 28.71 4.46 -10.42
CA GLN A 239 29.63 3.91 -9.43
C GLN A 239 28.89 3.65 -8.10
N ASN A 240 28.19 4.68 -7.63
CA ASN A 240 27.43 4.58 -6.39
C ASN A 240 26.41 3.43 -6.45
N LEU A 241 25.82 3.24 -7.62
CA LEU A 241 24.87 2.18 -7.84
C LEU A 241 25.50 0.78 -7.72
N THR A 242 26.63 0.55 -8.38
CA THR A 242 27.40 -0.69 -8.19
C THR A 242 27.87 -0.86 -6.74
N VAL A 243 28.64 0.13 -6.26
CA VAL A 243 29.33 -0.02 -4.99
C VAL A 243 28.38 -0.10 -3.79
N VAL A 244 27.28 0.67 -3.83
CA VAL A 244 26.37 0.69 -2.67
C VAL A 244 25.50 -0.56 -2.67
N THR A 245 25.13 -1.07 -3.85
CA THR A 245 24.37 -2.32 -3.91
C THR A 245 25.25 -3.45 -3.40
N ALA A 246 26.53 -3.44 -3.79
CA ALA A 246 27.50 -4.42 -3.25
C ALA A 246 27.64 -4.29 -1.71
N ALA A 247 27.66 -3.05 -1.21
CA ALA A 247 27.68 -2.80 0.25
C ALA A 247 26.44 -3.39 0.93
N LEU A 248 25.27 -3.19 0.32
CA LEU A 248 24.03 -3.77 0.89
C LEU A 248 24.14 -5.31 0.96
N GLU A 249 24.65 -5.94 -0.10
CA GLU A 249 24.78 -7.40 -0.10
C GLU A 249 25.73 -7.86 1.00
N GLY A 250 26.88 -7.20 1.10
CA GLY A 250 27.87 -7.51 2.14
C GLY A 250 27.30 -7.42 3.55
N THR A 251 26.53 -6.38 3.80
CA THR A 251 25.84 -6.25 5.10
C THR A 251 24.75 -7.31 5.27
N ALA A 252 23.91 -7.54 4.26
CA ALA A 252 22.86 -8.57 4.38
C ALA A 252 23.44 -9.97 4.63
N THR A 253 24.54 -10.29 3.98
CA THR A 253 25.26 -11.56 4.17
C THR A 253 25.70 -11.72 5.62
N LYS A 254 26.23 -10.65 6.21
CA LYS A 254 26.67 -10.67 7.60
C LYS A 254 25.51 -10.83 8.57
N VAL A 255 24.37 -10.19 8.27
CA VAL A 255 23.16 -10.37 9.10
C VAL A 255 22.69 -11.83 9.05
N ILE A 256 22.63 -12.42 7.85
CA ILE A 256 22.24 -13.84 7.68
C ILE A 256 23.13 -14.79 8.48
N ASN A 257 24.45 -14.60 8.40
CA ASN A 257 25.40 -15.39 9.21
C ASN A 257 25.21 -15.14 10.70
N PHE A 258 24.91 -13.89 11.06
CA PHE A 258 24.64 -13.55 12.46
C PHE A 258 23.36 -14.19 13.06
N ILE A 259 22.24 -14.11 12.35
CA ILE A 259 20.93 -14.62 12.76
C ILE A 259 20.90 -16.14 12.97
N ASN A 260 21.64 -16.85 12.12
CA ASN A 260 21.69 -18.31 12.14
C ASN A 260 21.94 -18.90 13.55
N GLY A 261 21.06 -19.81 13.99
CA GLY A 261 21.20 -20.47 15.29
C GLY A 261 20.80 -19.62 16.50
N ARG A 262 20.27 -18.42 16.25
CA ARG A 262 19.87 -17.52 17.34
C ARG A 262 18.37 -17.50 17.59
N ASN A 263 17.99 -17.39 18.88
CA ASN A 263 16.61 -17.08 19.26
C ASN A 263 16.39 -15.59 18.98
N LEU A 264 15.14 -15.20 18.81
CA LEU A 264 14.75 -13.79 18.63
C LEU A 264 15.30 -12.92 19.75
N SER A 265 15.34 -13.47 20.97
CA SER A 265 15.82 -12.73 22.14
C SER A 265 17.34 -12.50 22.17
N ASP A 266 18.09 -13.28 21.39
CA ASP A 266 19.54 -13.14 21.34
C ASP A 266 19.83 -12.20 20.20
N LEU A 267 18.74 -11.77 19.57
CA LEU A 267 18.68 -11.01 18.32
C LEU A 267 17.86 -11.56 17.16
N LEU B 23 -21.99 -14.85 -20.99
CA LEU B 23 -23.10 -15.83 -20.75
C LEU B 23 -23.33 -16.14 -19.26
N ARG B 24 -22.23 -16.23 -18.51
CA ARG B 24 -22.29 -16.52 -17.08
C ARG B 24 -22.75 -15.28 -16.29
N PRO B 25 -23.92 -15.37 -15.64
CA PRO B 25 -24.34 -14.16 -14.93
C PRO B 25 -23.48 -13.96 -13.70
N ILE B 26 -23.30 -12.69 -13.32
CA ILE B 26 -22.53 -12.31 -12.13
C ILE B 26 -23.17 -13.00 -10.93
N SER B 27 -22.33 -13.58 -10.07
N SER B 27 -22.35 -13.56 -10.04
CA SER B 27 -22.79 -14.40 -8.96
CA SER B 27 -22.87 -14.32 -8.91
C SER B 27 -22.14 -14.04 -7.62
C SER B 27 -22.34 -13.80 -7.57
N SER B 28 -21.24 -13.04 -7.63
CA SER B 28 -20.52 -12.62 -6.43
C SER B 28 -19.89 -11.24 -6.54
N VAL B 29 -20.34 -10.34 -5.65
CA VAL B 29 -19.83 -8.99 -5.58
C VAL B 29 -19.18 -8.73 -4.24
N VAL B 30 -17.99 -8.13 -4.29
CA VAL B 30 -17.31 -7.65 -3.08
C VAL B 30 -17.23 -6.12 -3.10
N PHE B 31 -17.70 -5.49 -2.02
CA PHE B 31 -17.50 -4.05 -1.79
C PHE B 31 -16.27 -3.83 -0.92
N VAL B 32 -15.45 -2.86 -1.31
CA VAL B 32 -14.28 -2.43 -0.54
C VAL B 32 -14.62 -1.03 -0.03
N ILE B 33 -14.68 -0.89 1.29
CA ILE B 33 -15.16 0.36 1.92
C ILE B 33 -14.20 0.72 3.06
N ALA B 34 -13.69 1.94 3.03
CA ALA B 34 -12.58 2.30 3.91
C ALA B 34 -13.00 2.57 5.34
N MET B 35 -14.25 2.97 5.54
CA MET B 35 -14.76 3.36 6.88
C MET B 35 -15.98 2.55 7.30
N GLN B 36 -15.96 2.01 8.52
CA GLN B 36 -17.05 1.11 8.93
C GLN B 36 -18.39 1.85 8.91
N ALA B 37 -18.38 3.11 9.34
CA ALA B 37 -19.60 3.93 9.30
C ALA B 37 -20.19 4.06 7.89
N GLU B 38 -19.33 4.00 6.86
CA GLU B 38 -19.82 4.06 5.46
C GLU B 38 -20.46 2.77 5.00
N ALA B 39 -19.98 1.65 5.56
CA ALA B 39 -20.46 0.31 5.26
C ALA B 39 -21.81 0.00 5.91
N LEU B 40 -22.00 0.41 7.15
CA LEU B 40 -23.21 -0.01 7.89
C LEU B 40 -24.56 0.21 7.19
N PRO B 41 -24.82 1.41 6.64
CA PRO B 41 -26.08 1.57 5.89
C PRO B 41 -26.33 0.49 4.84
N LEU B 42 -25.28 0.05 4.16
CA LEU B 42 -25.43 -0.98 3.15
C LEU B 42 -25.67 -2.35 3.77
N VAL B 43 -24.82 -2.69 4.75
CA VAL B 43 -24.96 -3.90 5.55
C VAL B 43 -26.41 -4.06 6.02
N ASN B 44 -26.96 -3.03 6.65
CA ASN B 44 -28.33 -3.06 7.17
C ASN B 44 -29.40 -3.23 6.07
N LYS B 45 -29.24 -2.48 5.00
CA LYS B 45 -30.21 -2.51 3.89
C LYS B 45 -30.38 -3.93 3.35
N PHE B 46 -29.26 -4.66 3.22
CA PHE B 46 -29.28 -6.02 2.69
C PHE B 46 -29.23 -7.10 3.77
N GLY B 47 -29.38 -6.70 5.03
CA GLY B 47 -29.35 -7.64 6.14
C GLY B 47 -28.13 -8.54 6.13
N LEU B 48 -26.97 -7.95 5.86
CA LEU B 48 -25.72 -8.71 5.89
C LEU B 48 -25.32 -8.90 7.35
N SER B 49 -24.55 -9.94 7.64
CA SER B 49 -24.12 -10.15 9.01
C SER B 49 -22.60 -10.15 9.13
N GLU B 50 -22.11 -9.71 10.27
CA GLU B 50 -20.70 -9.59 10.46
C GLU B 50 -20.10 -10.98 10.55
N THR B 51 -19.09 -11.20 9.72
CA THR B 51 -18.29 -12.40 9.73
C THR B 51 -17.59 -12.58 11.07
N THR B 52 -17.53 -13.81 11.59
CA THR B 52 -17.01 -13.98 12.94
C THR B 52 -15.76 -14.82 12.98
N ASP B 53 -15.36 -15.39 11.83
CA ASP B 53 -14.28 -16.37 11.82
C ASP B 53 -12.96 -15.90 11.23
N SER B 54 -12.79 -14.58 11.10
CA SER B 54 -11.51 -13.98 10.64
C SER B 54 -10.88 -14.71 9.43
N PRO B 55 -11.68 -14.96 8.38
CA PRO B 55 -11.15 -15.87 7.35
C PRO B 55 -9.91 -15.33 6.61
N LEU B 56 -9.75 -14.02 6.56
CA LEU B 56 -8.61 -13.44 5.85
C LEU B 56 -7.30 -13.42 6.68
N GLY B 57 -7.41 -13.74 7.98
CA GLY B 57 -6.23 -13.88 8.82
C GLY B 57 -6.51 -13.56 10.27
N LYS B 58 -5.96 -14.40 11.15
CA LYS B 58 -6.09 -14.23 12.58
C LYS B 58 -5.46 -12.92 13.06
N GLY B 59 -6.17 -12.21 13.93
CA GLY B 59 -5.65 -11.03 14.61
C GLY B 59 -5.72 -9.72 13.83
N LEU B 60 -6.23 -9.76 12.60
CA LEU B 60 -6.24 -8.54 11.77
C LEU B 60 -7.41 -7.64 12.21
N PRO B 61 -7.32 -6.32 11.98
CA PRO B 61 -8.43 -5.44 12.40
C PRO B 61 -9.59 -5.42 11.41
N TRP B 62 -9.44 -6.14 10.30
CA TRP B 62 -10.39 -6.07 9.19
C TRP B 62 -11.76 -6.56 9.56
N VAL B 63 -12.75 -6.02 8.86
CA VAL B 63 -14.14 -6.33 9.13
C VAL B 63 -14.76 -6.80 7.84
N LEU B 64 -15.51 -7.90 7.93
CA LEU B 64 -16.19 -8.44 6.78
C LEU B 64 -17.66 -8.71 7.11
N TYR B 65 -18.55 -8.37 6.19
CA TYR B 65 -19.98 -8.62 6.31
C TYR B 65 -20.41 -9.47 5.11
N HIS B 66 -21.23 -10.49 5.34
CA HIS B 66 -21.60 -11.37 4.25
C HIS B 66 -23.08 -11.65 4.21
N GLY B 67 -23.55 -12.05 3.03
CA GLY B 67 -24.95 -12.38 2.84
C GLY B 67 -25.18 -12.83 1.43
N VAL B 68 -26.45 -13.09 1.12
CA VAL B 68 -26.89 -13.50 -0.22
C VAL B 68 -28.14 -12.69 -0.56
N HIS B 69 -28.18 -12.19 -1.79
CA HIS B 69 -29.26 -11.38 -2.31
C HIS B 69 -29.10 -11.25 -3.81
N LYS B 70 -30.06 -11.71 -4.56
CA LYS B 70 -30.78 -12.92 -4.25
C LYS B 70 -30.19 -13.96 -5.17
N ASP B 71 -29.88 -13.55 -6.39
CA ASP B 71 -28.94 -14.35 -7.20
C ASP B 71 -27.48 -13.90 -7.00
N LEU B 72 -27.22 -13.07 -5.98
CA LEU B 72 -25.86 -12.60 -5.74
C LEU B 72 -25.36 -12.87 -4.35
N ARG B 73 -24.13 -13.37 -4.28
CA ARG B 73 -23.37 -13.31 -3.05
C ARG B 73 -22.83 -11.88 -2.86
N ILE B 74 -22.96 -11.37 -1.64
CA ILE B 74 -22.50 -10.02 -1.32
C ILE B 74 -21.60 -10.05 -0.11
N ASN B 75 -20.41 -9.49 -0.30
CA ASN B 75 -19.46 -9.33 0.78
C ASN B 75 -19.03 -7.89 0.81
N VAL B 76 -18.88 -7.34 2.02
CA VAL B 76 -18.40 -5.97 2.20
C VAL B 76 -17.21 -6.06 3.14
N VAL B 77 -16.05 -5.61 2.68
CA VAL B 77 -14.83 -5.66 3.52
C VAL B 77 -14.30 -4.24 3.86
N CYS B 78 -13.84 -4.07 5.11
CA CYS B 78 -13.34 -2.80 5.67
C CYS B 78 -11.97 -3.02 6.31
N PRO B 79 -11.07 -2.03 6.19
CA PRO B 79 -9.73 -2.16 6.80
C PRO B 79 -9.72 -2.17 8.33
N GLY B 80 -10.82 -1.74 8.95
CA GLY B 80 -10.92 -1.75 10.40
C GLY B 80 -10.11 -0.65 11.05
N ARG B 81 -9.95 -0.75 12.36
CA ARG B 81 -9.40 0.35 13.11
C ARG B 81 -7.96 0.12 13.58
N ASP B 82 -7.20 1.20 13.56
CA ASP B 82 -5.89 1.25 14.17
C ASP B 82 -5.89 0.78 15.63
N ALA B 83 -5.04 -0.20 15.91
CA ALA B 83 -5.00 -0.84 17.23
C ALA B 83 -4.84 0.16 18.35
N ALA B 84 -3.86 1.05 18.18
CA ALA B 84 -3.49 2.06 19.15
C ALA B 84 -4.41 3.26 19.20
N LEU B 85 -4.86 3.74 18.03
CA LEU B 85 -5.52 5.03 17.91
C LEU B 85 -7.05 4.94 17.79
N GLY B 86 -7.55 3.81 17.34
CA GLY B 86 -8.98 3.58 17.31
C GLY B 86 -9.75 4.04 16.09
N ILE B 87 -9.06 4.68 15.14
CA ILE B 87 -9.71 5.21 13.95
C ILE B 87 -9.60 4.35 12.67
N ASP B 88 -10.48 4.61 11.71
CA ASP B 88 -10.54 3.75 10.50
C ASP B 88 -9.21 3.82 9.74
N SER B 89 -8.73 2.65 9.36
CA SER B 89 -7.44 2.53 8.70
C SER B 89 -7.58 2.90 7.21
N VAL B 90 -7.72 4.21 6.95
CA VAL B 90 -7.89 4.76 5.60
C VAL B 90 -6.58 4.72 4.82
N GLY B 91 -6.65 5.06 3.54
CA GLY B 91 -5.44 5.11 2.74
C GLY B 91 -5.27 3.91 1.84
N THR B 92 -4.23 3.97 1.00
CA THR B 92 -4.03 3.04 -0.10
C THR B 92 -3.53 1.68 0.36
N VAL B 93 -2.62 1.65 1.33
CA VAL B 93 -2.04 0.37 1.74
C VAL B 93 -3.08 -0.57 2.33
N PRO B 94 -3.85 -0.12 3.35
CA PRO B 94 -4.87 -1.08 3.81
C PRO B 94 -5.92 -1.45 2.75
N ALA B 95 -6.34 -0.51 1.93
CA ALA B 95 -7.34 -0.76 0.89
C ALA B 95 -6.79 -1.82 -0.09
N SER B 96 -5.51 -1.72 -0.43
CA SER B 96 -4.89 -2.73 -1.30
C SER B 96 -4.91 -4.15 -0.67
N LEU B 97 -4.56 -4.25 0.63
CA LEU B 97 -4.50 -5.55 1.32
CA LEU B 97 -4.50 -5.53 1.33
C LEU B 97 -5.84 -6.25 1.36
N ILE B 98 -6.90 -5.51 1.72
CA ILE B 98 -8.24 -6.12 1.83
C ILE B 98 -8.80 -6.49 0.48
N THR B 99 -8.46 -5.71 -0.53
CA THR B 99 -8.83 -6.00 -1.90
C THR B 99 -8.14 -7.32 -2.32
N PHE B 100 -6.82 -7.40 -2.17
CA PHE B 100 -6.07 -8.63 -2.46
C PHE B 100 -6.67 -9.82 -1.72
N ALA B 101 -6.75 -9.70 -0.39
CA ALA B 101 -7.16 -10.83 0.45
C ALA B 101 -8.57 -11.33 0.17
N SER B 102 -9.50 -10.39 -0.06
CA SER B 102 -10.89 -10.75 -0.31
C SER B 102 -11.07 -11.39 -1.70
N ILE B 103 -10.37 -10.87 -2.71
CA ILE B 103 -10.39 -11.52 -4.03
C ILE B 103 -9.87 -12.97 -3.89
N GLN B 104 -8.70 -13.16 -3.26
CA GLN B 104 -8.11 -14.51 -3.15
C GLN B 104 -8.96 -15.53 -2.36
N ALA B 105 -9.65 -15.05 -1.32
CA ALA B 105 -10.57 -15.88 -0.52
C ALA B 105 -11.96 -16.12 -1.13
N LEU B 106 -12.53 -15.10 -1.77
CA LEU B 106 -13.94 -15.11 -2.18
C LEU B 106 -14.15 -15.25 -3.68
N LYS B 107 -13.11 -14.98 -4.46
CA LYS B 107 -13.19 -15.07 -5.93
C LYS B 107 -14.46 -14.39 -6.50
N PRO B 108 -14.61 -13.06 -6.28
CA PRO B 108 -15.80 -12.37 -6.77
C PRO B 108 -15.71 -12.20 -8.28
N ASP B 109 -16.84 -11.93 -8.92
CA ASP B 109 -16.85 -11.58 -10.33
C ASP B 109 -16.49 -10.12 -10.59
N ILE B 110 -16.65 -9.30 -9.56
CA ILE B 110 -16.54 -7.83 -9.71
C ILE B 110 -16.32 -7.18 -8.34
N ILE B 111 -15.46 -6.16 -8.31
CA ILE B 111 -15.21 -5.36 -7.12
C ILE B 111 -15.80 -3.97 -7.26
N ILE B 112 -16.40 -3.47 -6.17
CA ILE B 112 -16.94 -2.12 -6.14
C ILE B 112 -16.32 -1.39 -4.93
N ASN B 113 -15.52 -0.37 -5.21
CA ASN B 113 -14.95 0.49 -4.16
C ASN B 113 -15.94 1.65 -3.96
N ALA B 114 -16.62 1.65 -2.82
CA ALA B 114 -17.62 2.66 -2.48
C ALA B 114 -17.07 3.51 -1.36
N GLY B 115 -17.18 4.83 -1.51
CA GLY B 115 -16.71 5.73 -0.45
C GLY B 115 -17.02 7.19 -0.73
N THR B 116 -16.52 8.07 0.15
CA THR B 116 -16.69 9.50 0.00
C THR B 116 -15.45 10.07 -0.69
N CYS B 117 -15.53 11.32 -1.13
CA CYS B 117 -14.45 11.96 -1.88
C CYS B 117 -14.66 13.47 -1.92
N GLY B 118 -13.60 14.18 -2.31
CA GLY B 118 -13.70 15.58 -2.64
C GLY B 118 -14.03 15.71 -4.11
N GLY B 119 -14.72 16.81 -4.44
CA GLY B 119 -15.10 17.11 -5.82
C GLY B 119 -14.67 18.50 -6.24
N PHE B 120 -14.58 18.73 -7.55
CA PHE B 120 -14.29 20.05 -8.09
C PHE B 120 -15.55 20.66 -8.65
N LYS B 121 -16.00 21.77 -8.08
CA LYS B 121 -17.16 22.48 -8.60
C LYS B 121 -17.00 22.82 -10.08
N VAL B 122 -15.80 23.22 -10.47
CA VAL B 122 -15.53 23.57 -11.86
C VAL B 122 -15.77 22.39 -12.82
N LYS B 123 -15.71 21.18 -12.29
CA LYS B 123 -15.94 19.98 -13.09
C LYS B 123 -17.40 19.48 -12.98
N GLY B 124 -18.24 20.28 -12.30
CA GLY B 124 -19.66 19.96 -12.14
C GLY B 124 -20.03 19.22 -10.86
N ALA B 125 -19.05 18.97 -10.00
CA ALA B 125 -19.30 18.25 -8.76
C ALA B 125 -20.08 19.10 -7.74
N ASN B 126 -21.09 18.49 -7.12
CA ASN B 126 -21.81 19.14 -6.02
C ASN B 126 -21.81 18.22 -4.82
N ILE B 127 -21.77 18.80 -3.62
CA ILE B 127 -21.90 18.01 -2.39
C ILE B 127 -23.11 17.09 -2.48
N GLY B 128 -22.91 15.81 -2.16
CA GLY B 128 -23.99 14.83 -2.19
C GLY B 128 -24.06 14.01 -3.47
N ASP B 129 -23.40 14.49 -4.52
CA ASP B 129 -23.35 13.74 -5.77
C ASP B 129 -22.67 12.43 -5.54
N VAL B 130 -23.27 11.36 -6.03
CA VAL B 130 -22.61 10.08 -6.06
C VAL B 130 -22.20 9.81 -7.51
N PHE B 131 -20.90 9.71 -7.71
CA PHE B 131 -20.33 9.57 -9.05
C PHE B 131 -19.94 8.15 -9.35
N LEU B 132 -20.17 7.75 -10.61
CA LEU B 132 -19.51 6.58 -11.19
C LEU B 132 -18.11 7.07 -11.58
N VAL B 133 -17.14 6.17 -11.70
CA VAL B 133 -15.78 6.57 -12.10
C VAL B 133 -15.38 6.01 -13.48
N SER B 134 -14.94 6.89 -14.39
CA SER B 134 -14.46 6.46 -15.71
C SER B 134 -13.11 5.76 -15.60
N ASP B 135 -12.15 6.47 -15.02
CA ASP B 135 -10.82 5.93 -14.83
C ASP B 135 -10.19 6.58 -13.61
N VAL B 136 -9.04 6.08 -13.21
CA VAL B 136 -8.42 6.51 -11.98
C VAL B 136 -6.91 6.71 -12.13
N VAL B 137 -6.37 7.65 -11.36
CA VAL B 137 -4.93 7.93 -11.33
C VAL B 137 -4.48 8.14 -9.89
N PHE B 138 -3.17 8.15 -9.66
CA PHE B 138 -2.60 8.64 -8.39
C PHE B 138 -2.07 10.07 -8.59
N HIS B 139 -2.20 10.94 -7.58
CA HIS B 139 -1.50 12.26 -7.59
C HIS B 139 -0.26 12.37 -6.69
N ASP B 140 0.01 11.37 -5.87
CA ASP B 140 1.14 11.45 -4.93
C ASP B 140 2.27 10.46 -5.19
N ARG B 141 2.31 9.84 -6.38
CA ARG B 141 3.44 8.94 -6.71
C ARG B 141 4.26 9.51 -7.88
N ARG B 142 5.15 10.43 -7.51
CA ARG B 142 5.96 11.19 -8.45
C ARG B 142 7.34 10.55 -8.63
N ILE B 143 7.59 9.97 -9.79
CA ILE B 143 8.87 9.36 -10.12
C ILE B 143 9.35 9.93 -11.46
N PRO B 144 10.23 10.96 -11.43
CA PRO B 144 10.59 11.75 -12.62
C PRO B 144 11.62 11.12 -13.58
N ILE B 145 11.39 9.87 -13.94
CA ILE B 145 12.14 9.13 -14.95
C ILE B 145 11.09 8.64 -15.92
N PRO B 146 11.33 8.76 -17.21
CA PRO B 146 10.34 8.31 -18.17
C PRO B 146 9.97 6.82 -18.00
N MET B 147 8.71 6.51 -18.20
CA MET B 147 8.16 5.20 -17.89
C MET B 147 7.94 4.81 -16.43
N PHE B 148 8.69 5.40 -15.53
CA PHE B 148 8.40 5.23 -14.12
C PHE B 148 7.31 6.28 -13.81
N ASP B 149 7.42 7.45 -14.40
CA ASP B 149 6.40 8.47 -14.27
C ASP B 149 4.97 8.02 -14.54
N LEU B 150 4.80 7.32 -15.65
CA LEU B 150 3.54 6.71 -16.02
C LEU B 150 3.07 5.69 -14.98
N TYR B 151 4.02 4.87 -14.52
CA TYR B 151 3.77 3.88 -13.47
C TYR B 151 3.23 4.52 -12.20
N GLY B 152 3.87 5.60 -11.75
CA GLY B 152 3.47 6.29 -10.53
C GLY B 152 2.06 6.81 -10.63
N VAL B 153 1.76 7.45 -11.75
CA VAL B 153 0.42 7.96 -12.01
C VAL B 153 -0.61 6.82 -12.08
N GLY B 154 -0.20 5.68 -12.62
CA GLY B 154 -1.03 4.46 -12.58
C GLY B 154 -2.41 4.56 -13.22
N LEU B 155 -2.52 5.28 -14.33
CA LEU B 155 -3.81 5.39 -15.05
C LEU B 155 -4.44 4.01 -15.37
N ARG B 156 -5.63 3.79 -14.82
CA ARG B 156 -6.36 2.53 -15.04
C ARG B 156 -7.83 2.81 -15.30
N GLN B 157 -8.41 2.09 -16.24
CA GLN B 157 -9.82 2.26 -16.57
C GLN B 157 -10.72 1.43 -15.64
N ALA B 158 -11.75 2.04 -15.07
CA ALA B 158 -12.80 1.25 -14.41
C ALA B 158 -13.49 0.37 -15.45
N PHE B 159 -14.17 -0.67 -14.98
CA PHE B 159 -14.92 -1.57 -15.84
C PHE B 159 -16.07 -0.80 -16.49
N SER B 160 -16.22 -1.00 -17.80
CA SER B 160 -17.26 -0.33 -18.59
C SER B 160 -18.66 -0.78 -18.18
N THR B 161 -19.46 0.15 -17.66
CA THR B 161 -20.84 -0.15 -17.29
C THR B 161 -21.84 0.87 -17.92
N PRO B 162 -21.96 0.89 -19.27
CA PRO B 162 -22.80 1.95 -19.87
C PRO B 162 -24.30 1.88 -19.52
N ASN B 163 -24.84 0.67 -19.39
CA ASN B 163 -26.27 0.52 -19.09
C ASN B 163 -26.57 0.96 -17.64
N LEU B 164 -25.69 0.60 -16.71
CA LEU B 164 -25.79 1.03 -15.30
C LEU B 164 -25.80 2.56 -15.25
N LEU B 165 -24.82 3.14 -15.93
CA LEU B 165 -24.65 4.62 -16.00
C LEU B 165 -25.96 5.29 -16.47
N LYS B 166 -26.48 4.81 -17.59
CA LYS B 166 -27.68 5.35 -18.19
C LYS B 166 -28.89 5.15 -17.28
N GLU B 167 -29.12 3.92 -16.84
CA GLU B 167 -30.32 3.57 -16.05
C GLU B 167 -30.40 4.30 -14.69
N LEU B 168 -29.25 4.41 -14.01
CA LEU B 168 -29.16 5.08 -12.71
C LEU B 168 -28.96 6.59 -12.81
N ASN B 169 -28.66 7.07 -14.01
CA ASN B 169 -28.40 8.50 -14.27
C ASN B 169 -27.37 9.03 -13.29
N LEU B 170 -26.15 8.49 -13.35
CA LEU B 170 -25.11 8.96 -12.43
C LEU B 170 -24.16 9.89 -13.16
N LYS B 171 -23.63 10.89 -12.45
CA LYS B 171 -22.48 11.63 -12.99
C LYS B 171 -21.28 10.70 -13.07
N ILE B 172 -20.35 11.03 -13.96
CA ILE B 172 -19.14 10.27 -14.13
C ILE B 172 -17.96 11.24 -14.25
N GLY B 173 -16.80 10.84 -13.76
CA GLY B 173 -15.56 11.60 -13.97
C GLY B 173 -14.34 10.80 -13.55
N ARG B 174 -13.15 11.38 -13.77
CA ARG B 174 -11.90 10.74 -13.37
C ARG B 174 -11.60 10.98 -11.89
N LEU B 175 -11.13 9.92 -11.22
CA LEU B 175 -10.75 9.97 -9.83
C LEU B 175 -9.22 10.03 -9.66
N SER B 176 -8.76 10.91 -8.78
CA SER B 176 -7.33 10.96 -8.44
C SER B 176 -7.13 10.62 -6.96
N THR B 177 -6.17 9.73 -6.71
CA THR B 177 -5.96 9.13 -5.39
C THR B 177 -4.61 9.49 -4.82
N GLY B 178 -4.57 9.71 -3.50
CA GLY B 178 -3.32 9.84 -2.77
C GLY B 178 -3.65 9.67 -1.29
N ASP B 179 -2.61 9.53 -0.48
CA ASP B 179 -2.77 9.19 0.94
C ASP B 179 -3.02 10.37 1.89
N SER B 180 -3.18 11.57 1.33
CA SER B 180 -3.41 12.74 2.15
C SER B 180 -4.80 13.29 1.91
N LEU B 181 -5.41 13.79 2.98
CA LEU B 181 -6.76 14.32 2.96
C LEU B 181 -6.70 15.77 2.49
N ASP B 182 -5.62 16.46 2.82
CA ASP B 182 -5.39 17.81 2.29
C ASP B 182 -4.76 17.68 0.90
N MET B 183 -4.23 18.79 0.37
CA MET B 183 -3.69 18.82 -1.00
C MET B 183 -2.47 19.74 -1.02
N SER B 184 -1.32 19.15 -1.37
CA SER B 184 -0.11 19.93 -1.59
C SER B 184 -0.15 20.60 -2.97
N THR B 185 0.77 21.53 -3.19
CA THR B 185 0.94 22.16 -4.51
C THR B 185 1.15 21.11 -5.60
N GLN B 186 2.07 20.17 -5.34
CA GLN B 186 2.39 19.15 -6.32
C GLN B 186 1.23 18.18 -6.53
N ASP B 187 0.45 17.91 -5.47
CA ASP B 187 -0.78 17.12 -5.62
C ASP B 187 -1.74 17.83 -6.58
N GLU B 188 -1.96 19.12 -6.35
CA GLU B 188 -2.87 19.89 -7.18
C GLU B 188 -2.42 19.89 -8.63
N THR B 189 -1.13 20.13 -8.84
CA THR B 189 -0.58 20.12 -10.20
C THR B 189 -0.96 18.83 -10.95
N LEU B 190 -0.76 17.69 -10.32
CA LEU B 190 -1.08 16.41 -10.95
C LEU B 190 -2.58 16.19 -11.12
N ILE B 191 -3.37 16.48 -10.09
CA ILE B 191 -4.84 16.41 -10.20
C ILE B 191 -5.39 17.23 -11.37
N ILE B 192 -4.89 18.44 -11.54
CA ILE B 192 -5.31 19.30 -12.65
C ILE B 192 -4.81 18.77 -13.99
N ALA B 193 -3.54 18.39 -14.06
CA ALA B 193 -2.94 17.88 -15.29
C ALA B 193 -3.69 16.64 -15.79
N ASN B 194 -4.14 15.82 -14.85
CA ASN B 194 -4.95 14.63 -15.18
C ASN B 194 -6.46 14.89 -15.32
N ASP B 195 -6.86 16.16 -15.18
CA ASP B 195 -8.23 16.62 -15.41
C ASP B 195 -9.23 15.81 -14.57
N ALA B 196 -8.86 15.55 -13.32
CA ALA B 196 -9.72 14.78 -12.42
C ALA B 196 -10.89 15.62 -11.94
N THR B 197 -12.01 14.95 -11.72
CA THR B 197 -13.19 15.55 -11.14
C THR B 197 -13.23 15.28 -9.65
N LEU B 198 -12.65 14.15 -9.25
CA LEU B 198 -12.77 13.60 -7.91
C LEU B 198 -11.42 13.28 -7.27
N LYS B 199 -11.37 13.35 -5.95
CA LYS B 199 -10.15 13.16 -5.16
C LYS B 199 -10.44 12.27 -3.94
N ASP B 200 -9.72 11.16 -3.84
CA ASP B 200 -9.92 10.25 -2.70
C ASP B 200 -8.59 9.71 -2.16
N MET B 201 -8.67 8.69 -1.32
CA MET B 201 -7.48 8.13 -0.67
C MET B 201 -7.24 6.63 -0.87
N GLU B 202 -8.10 5.96 -1.65
CA GLU B 202 -7.95 4.49 -1.87
C GLU B 202 -8.09 4.02 -3.33
N GLY B 203 -8.92 4.73 -4.11
CA GLY B 203 -9.41 4.25 -5.40
C GLY B 203 -8.38 3.69 -6.39
N ALA B 204 -7.32 4.46 -6.67
CA ALA B 204 -6.29 4.00 -7.61
C ALA B 204 -5.57 2.73 -7.13
N ALA B 205 -5.43 2.57 -5.81
CA ALA B 205 -4.81 1.36 -5.25
C ALA B 205 -5.72 0.14 -5.33
N VAL B 206 -7.01 0.33 -5.10
CA VAL B 206 -7.98 -0.77 -5.36
C VAL B 206 -7.86 -1.20 -6.83
N ALA B 207 -7.80 -0.22 -7.74
CA ALA B 207 -7.69 -0.52 -9.17
C ALA B 207 -6.42 -1.29 -9.50
N TYR B 208 -5.30 -0.91 -8.87
CA TYR B 208 -4.03 -1.62 -9.10
C TYR B 208 -4.17 -3.10 -8.73
N VAL B 209 -4.72 -3.37 -7.55
CA VAL B 209 -4.94 -4.79 -7.13
C VAL B 209 -5.94 -5.56 -8.03
N ALA B 210 -7.02 -4.90 -8.42
CA ALA B 210 -8.05 -5.53 -9.28
C ALA B 210 -7.42 -5.89 -10.63
N ASP B 211 -6.55 -5.01 -11.11
CA ASP B 211 -5.85 -5.20 -12.38
C ASP B 211 -4.90 -6.43 -12.28
N LEU B 212 -4.09 -6.44 -11.23
CA LEU B 212 -3.18 -7.52 -10.93
C LEU B 212 -3.89 -8.89 -10.83
N LEU B 213 -5.10 -8.92 -10.26
CA LEU B 213 -5.84 -10.18 -10.14
C LEU B 213 -6.95 -10.40 -11.14
N LYS B 214 -6.96 -9.55 -12.18
CA LYS B 214 -7.92 -9.62 -13.30
C LYS B 214 -9.42 -9.68 -12.90
N ILE B 215 -9.81 -8.78 -11.99
CA ILE B 215 -11.20 -8.64 -11.57
C ILE B 215 -11.71 -7.26 -11.99
N PRO B 216 -12.88 -7.22 -12.70
CA PRO B 216 -13.56 -5.99 -13.07
C PRO B 216 -13.74 -5.12 -11.83
N VAL B 217 -13.43 -3.83 -11.92
CA VAL B 217 -13.62 -2.94 -10.78
C VAL B 217 -14.50 -1.75 -11.15
N VAL B 218 -15.45 -1.39 -10.29
CA VAL B 218 -16.28 -0.20 -10.46
C VAL B 218 -16.19 0.67 -9.17
N PHE B 219 -16.42 1.98 -9.29
CA PHE B 219 -16.27 2.89 -8.15
C PHE B 219 -17.52 3.72 -7.96
N LEU B 220 -17.92 3.90 -6.71
CA LEU B 220 -19.00 4.83 -6.35
C LEU B 220 -18.39 5.79 -5.38
N LYS B 221 -18.36 7.07 -5.75
CA LYS B 221 -17.65 8.07 -4.98
C LYS B 221 -18.58 9.25 -4.73
N ALA B 222 -18.87 9.48 -3.45
CA ALA B 222 -19.89 10.40 -2.99
C ALA B 222 -19.27 11.68 -2.40
N VAL B 223 -19.56 12.82 -3.02
CA VAL B 223 -18.84 14.07 -2.76
C VAL B 223 -19.20 14.71 -1.40
N THR B 224 -18.25 14.72 -0.46
CA THR B 224 -18.43 15.31 0.87
C THR B 224 -17.91 16.75 1.01
N ASP B 225 -17.01 17.14 0.11
CA ASP B 225 -16.31 18.41 0.20
C ASP B 225 -15.86 18.90 -1.17
N LEU B 226 -15.81 20.22 -1.33
CA LEU B 226 -15.42 20.86 -2.58
C LEU B 226 -13.97 21.35 -2.47
N VAL B 227 -13.09 20.68 -3.21
CA VAL B 227 -11.65 20.95 -3.20
C VAL B 227 -11.35 22.37 -3.69
N ASP B 228 -12.06 22.83 -4.72
CA ASP B 228 -11.89 24.21 -5.19
C ASP B 228 -12.85 25.16 -4.49
N GLY B 229 -13.43 24.73 -3.36
CA GLY B 229 -14.40 25.53 -2.64
C GLY B 229 -13.79 26.43 -1.57
N ASP B 230 -14.65 27.10 -0.80
CA ASP B 230 -14.18 28.06 0.21
C ASP B 230 -14.17 27.54 1.67
N LYS B 231 -14.62 26.31 1.89
CA LYS B 231 -14.59 25.70 3.22
C LYS B 231 -13.33 24.83 3.32
N PRO B 232 -12.71 24.79 4.52
CA PRO B 232 -11.55 23.91 4.74
C PRO B 232 -11.92 22.44 4.49
N THR B 233 -10.98 21.65 3.97
CA THR B 233 -11.31 20.26 3.59
C THR B 233 -11.76 19.38 4.75
N ALA B 234 -10.95 19.29 5.80
CA ALA B 234 -11.26 18.43 6.95
C ALA B 234 -12.57 18.81 7.63
N GLU B 235 -12.83 20.12 7.77
CA GLU B 235 -14.07 20.62 8.36
C GLU B 235 -15.28 20.23 7.51
N GLU B 236 -15.20 20.45 6.21
CA GLU B 236 -16.32 20.18 5.30
C GLU B 236 -16.61 18.69 5.15
N PHE B 237 -15.53 17.91 5.02
CA PHE B 237 -15.59 16.44 5.00
C PHE B 237 -16.39 15.92 6.21
N LEU B 238 -15.95 16.30 7.41
CA LEU B 238 -16.57 15.88 8.68
C LEU B 238 -18.03 16.36 8.82
N GLN B 239 -18.28 17.57 8.32
CA GLN B 239 -19.60 18.19 8.35
C GLN B 239 -20.61 17.35 7.55
N ASN B 240 -20.20 16.87 6.38
CA ASN B 240 -21.12 16.21 5.45
C ASN B 240 -21.06 14.68 5.43
N LEU B 241 -20.15 14.10 6.20
CA LEU B 241 -19.95 12.66 6.14
C LEU B 241 -21.26 11.87 6.29
N THR B 242 -22.01 12.13 7.36
CA THR B 242 -23.21 11.33 7.62
C THR B 242 -24.27 11.42 6.52
N VAL B 243 -24.62 12.63 6.12
CA VAL B 243 -25.65 12.83 5.12
C VAL B 243 -25.19 12.26 3.77
N VAL B 244 -23.92 12.45 3.42
CA VAL B 244 -23.42 11.97 2.13
C VAL B 244 -23.32 10.44 2.11
N THR B 245 -22.97 9.84 3.25
CA THR B 245 -22.91 8.37 3.31
CA THR B 245 -22.91 8.37 3.36
C THR B 245 -24.27 7.74 3.03
N ALA B 246 -25.35 8.42 3.45
CA ALA B 246 -26.69 7.92 3.16
C ALA B 246 -27.00 8.02 1.67
N ALA B 247 -26.53 9.10 1.03
CA ALA B 247 -26.62 9.22 -0.43
C ALA B 247 -25.84 8.06 -1.11
N LEU B 248 -24.65 7.77 -0.59
CA LEU B 248 -23.84 6.65 -1.11
C LEU B 248 -24.60 5.31 -0.98
N GLU B 249 -25.23 5.08 0.18
CA GLU B 249 -26.03 3.87 0.35
C GLU B 249 -27.12 3.72 -0.72
N GLY B 250 -27.87 4.81 -0.95
CA GLY B 250 -28.97 4.79 -1.92
C GLY B 250 -28.52 4.36 -3.31
N THR B 251 -27.39 4.90 -3.74
CA THR B 251 -26.83 4.53 -5.05
C THR B 251 -26.29 3.08 -5.07
N ALA B 252 -25.53 2.70 -4.05
CA ALA B 252 -24.96 1.34 -3.97
C ALA B 252 -26.07 0.29 -3.93
N THR B 253 -27.18 0.62 -3.24
CA THR B 253 -28.33 -0.28 -3.23
C THR B 253 -28.92 -0.47 -4.63
N LYS B 254 -29.05 0.61 -5.40
CA LYS B 254 -29.57 0.54 -6.78
C LYS B 254 -28.58 -0.19 -7.69
N VAL B 255 -27.29 -0.03 -7.40
CA VAL B 255 -26.25 -0.72 -8.18
C VAL B 255 -26.35 -2.25 -8.00
N ILE B 256 -26.45 -2.71 -6.76
CA ILE B 256 -26.63 -4.17 -6.50
C ILE B 256 -27.88 -4.73 -7.17
N ASN B 257 -29.00 -4.00 -7.05
CA ASN B 257 -30.29 -4.41 -7.64
C ASN B 257 -30.18 -4.54 -9.17
N PHE B 258 -29.48 -3.58 -9.79
CA PHE B 258 -29.21 -3.60 -11.24
C PHE B 258 -28.32 -4.78 -11.69
N ILE B 259 -27.24 -5.03 -10.95
CA ILE B 259 -26.30 -6.14 -11.26
C ILE B 259 -27.00 -7.51 -11.22
N ASN B 260 -27.89 -7.68 -10.25
CA ASN B 260 -28.56 -8.98 -10.04
C ASN B 260 -29.15 -9.54 -11.34
N GLY B 261 -28.78 -10.77 -11.68
CA GLY B 261 -29.33 -11.44 -12.85
C GLY B 261 -28.65 -11.05 -14.16
N ARG B 262 -27.76 -10.07 -14.11
CA ARG B 262 -27.04 -9.64 -15.30
C ARG B 262 -25.69 -10.32 -15.48
N ASN B 263 -25.19 -10.37 -16.70
CA ASN B 263 -23.79 -10.77 -16.86
C ASN B 263 -22.90 -9.52 -17.01
N LEU B 264 -21.57 -9.69 -16.99
CA LEU B 264 -20.67 -8.53 -17.15
C LEU B 264 -20.92 -7.71 -18.42
N SER B 265 -21.16 -8.38 -19.56
CA SER B 265 -21.59 -7.70 -20.82
C SER B 265 -22.86 -6.84 -20.74
N ASP B 266 -23.78 -7.20 -19.84
CA ASP B 266 -25.04 -6.49 -19.70
C ASP B 266 -24.75 -5.23 -18.91
N LEU B 267 -23.56 -5.23 -18.33
CA LEU B 267 -23.16 -4.41 -17.19
C LEU B 267 -22.81 -5.12 -15.88
N9 ADE C . 15.24 5.15 -3.25
C8 ADE C . 16.55 5.38 -3.62
N7 ADE C . 16.93 6.63 -3.46
C5 ADE C . 15.80 7.27 -2.96
C6 ADE C . 15.53 8.60 -2.59
N6 ADE C . 16.42 9.59 -2.66
N1 ADE C . 14.29 8.90 -2.13
C2 ADE C . 13.37 7.92 -2.05
N3 ADE C . 13.51 6.64 -2.38
C4 ADE C . 14.75 6.37 -2.83
C1 EDO D . -8.36 24.39 -5.86
O1 EDO D . -7.62 23.43 -6.62
C2 EDO D . -7.68 24.57 -4.51
O2 EDO D . -8.55 25.29 -3.63
N1 FMC E . -9.35 14.19 -0.41
C2 FMC E . -9.00 12.90 -0.19
N3 FMC E . -9.84 11.97 0.32
C4 FMC E . -11.11 12.33 0.61
C5 FMC E . -11.57 13.71 0.39
C6 FMC E . -10.59 14.68 -0.16
N6 FMC E . -10.92 15.98 -0.39
N7 FMC E . -12.86 13.76 0.77
N8 FMC E . -13.28 12.48 1.21
C9 FMC E . -12.27 11.58 1.15
C1' FMC E . -12.26 10.11 1.51
C2' FMC E . -10.97 9.27 1.36
O2' FMC E . -11.00 8.40 0.22
C3' FMC E . -10.85 8.52 2.67
O3' FMC E . -11.43 7.21 2.62
C4' FMC E . -11.63 9.35 3.66
O4' FMC E . -12.64 9.96 2.88
C5' FMC E . -10.79 10.44 4.34
O5' FMC E . -9.74 9.86 5.13
#